data_5K53
#
_entry.id   5K53
#
_cell.length_a   55.012
_cell.length_b   78.265
_cell.length_c   108.861
_cell.angle_alpha   90.000
_cell.angle_beta   90.000
_cell.angle_gamma   90.000
#
_symmetry.space_group_name_H-M   'P 21 21 21'
#
loop_
_entity.id
_entity.type
_entity.pdbx_description
1 polymer 'aldehyde deformylating oxygenase'
2 non-polymer 'FE (III) ION'
3 non-polymer 'STEARIC ACID'
4 water water
#
_entity_poly.entity_id   1
_entity_poly.type   'polypeptide(L)'
_entity_poly.pdbx_seq_one_letter_code
;HHHHHHSSGLVPRGSHMASMTGGQQMGRGSEFMPQLEASPTIDFQTETYKDAYSRINAIVIEGEQEAHDNYLTLAELLAD
KKAELVGLSKMENRHMKGFQACGRNLKVTPDMAFAKQFFSELHKNFQTAAAQGQIVTCLLIQSLIIECFAIAAYNIYIPV
ADDFARKITEGVVKEEYSHLNFGEVWLQAHFEESKAELEAANRQNLPIIWKLLNAVADDARVLGMEKDALIEDFMIAYGE
ALGNIGFNNRDIMRMSAQGLAA
;
_entity_poly.pdbx_strand_id   A,B
#
loop_
_chem_comp.id
_chem_comp.type
_chem_comp.name
_chem_comp.formula
FE non-polymer 'FE (III) ION' 'Fe 3'
STE non-polymer 'STEARIC ACID' 'C18 H36 O2'
#
# COMPACT_ATOMS: atom_id res chain seq x y z
N ILE A 42 -9.89 -15.89 22.60
CA ILE A 42 -8.57 -16.62 22.52
C ILE A 42 -7.67 -16.25 23.69
N ASP A 43 -7.01 -17.25 24.26
CA ASP A 43 -6.12 -17.05 25.37
C ASP A 43 -4.69 -17.03 24.80
N PHE A 44 -4.08 -15.85 24.82
CA PHE A 44 -2.74 -15.65 24.23
C PHE A 44 -1.58 -16.16 25.12
N GLN A 45 -1.85 -16.60 26.36
CA GLN A 45 -0.79 -17.08 27.28
C GLN A 45 -0.75 -18.61 27.57
N THR A 46 -1.57 -19.43 26.89
CA THR A 46 -1.48 -20.88 27.03
C THR A 46 -0.22 -21.45 26.38
N GLU A 47 0.20 -22.63 26.80
CA GLU A 47 1.41 -23.22 26.26
C GLU A 47 1.15 -23.65 24.84
N THR A 48 -0.09 -24.02 24.56
CA THR A 48 -0.52 -24.42 23.23
C THR A 48 -0.42 -23.23 22.25
N TYR A 49 -0.90 -22.06 22.70
CA TYR A 49 -0.81 -20.86 21.87
C TYR A 49 0.66 -20.39 21.70
N LYS A 50 1.43 -20.32 22.78
CA LYS A 50 2.81 -19.87 22.66
C LYS A 50 3.63 -20.81 21.76
N ASP A 51 3.38 -22.12 21.85
CA ASP A 51 4.02 -23.11 21.01
C ASP A 51 3.74 -22.91 19.50
N ALA A 52 2.46 -22.85 19.14
CA ALA A 52 2.06 -22.55 17.77
C ALA A 52 2.63 -21.20 17.33
N TYR A 53 2.58 -20.20 18.19
CA TYR A 53 3.05 -18.87 17.84
C TYR A 53 4.57 -18.84 17.57
N SER A 54 5.34 -19.64 18.31
CA SER A 54 6.79 -19.77 18.13
C SER A 54 7.14 -20.09 16.66
N ARG A 55 6.35 -20.95 16.03
CA ARG A 55 6.56 -21.34 14.64
C ARG A 55 5.96 -20.31 13.65
N ILE A 56 4.77 -19.86 13.91
CA ILE A 56 4.12 -18.86 13.01
C ILE A 56 4.89 -17.56 12.98
N ASN A 57 5.27 -17.06 14.15
CA ASN A 57 5.97 -15.81 14.23
C ASN A 57 7.35 -15.92 13.57
N ALA A 58 8.02 -17.04 13.76
CA ALA A 58 9.30 -17.32 13.08
C ALA A 58 9.10 -17.30 11.56
N ILE A 59 8.04 -17.92 11.09
CA ILE A 59 7.74 -18.00 9.64
C ILE A 59 7.55 -16.60 9.10
N VAL A 60 6.81 -15.75 9.76
CA VAL A 60 6.62 -14.37 9.24
C VAL A 60 7.92 -13.62 9.26
N ILE A 61 8.68 -13.79 10.35
CA ILE A 61 9.91 -13.10 10.44
C ILE A 61 10.81 -13.53 9.32
N GLU A 62 10.96 -14.84 9.09
CA GLU A 62 11.85 -15.36 8.01
C GLU A 62 11.34 -14.91 6.65
N GLY A 63 10.03 -14.95 6.47
CA GLY A 63 9.42 -14.47 5.24
C GLY A 63 9.71 -12.99 4.94
N GLU A 64 9.61 -12.17 5.95
CA GLU A 64 9.96 -10.77 5.79
C GLU A 64 11.44 -10.55 5.44
N GLN A 65 12.31 -11.26 6.16
CA GLN A 65 13.75 -11.18 5.81
C GLN A 65 14.04 -11.65 4.39
N GLU A 66 13.43 -12.74 3.96
CA GLU A 66 13.55 -13.20 2.60
C GLU A 66 13.04 -12.18 1.57
N ALA A 67 11.93 -11.55 1.87
CA ALA A 67 11.38 -10.51 0.97
C ALA A 67 12.36 -9.34 0.86
N HIS A 68 12.92 -8.92 1.97
CA HIS A 68 13.98 -7.85 2.00
C HIS A 68 15.07 -8.23 1.08
N ASP A 69 15.62 -9.45 1.24
CA ASP A 69 16.71 -9.91 0.39
C ASP A 69 16.30 -10.03 -1.07
N ASN A 70 15.08 -10.52 -1.34
CA ASN A 70 14.60 -10.74 -2.70
C ASN A 70 14.46 -9.42 -3.44
N TYR A 71 13.94 -8.40 -2.75
CA TYR A 71 13.82 -7.10 -3.40
C TYR A 71 15.18 -6.45 -3.70
N LEU A 72 16.16 -6.70 -2.86
CA LEU A 72 17.53 -6.22 -3.17
C LEU A 72 18.13 -6.97 -4.33
N THR A 73 17.90 -8.29 -4.41
CA THR A 73 18.33 -9.08 -5.53
C THR A 73 17.62 -8.56 -6.82
N LEU A 74 16.32 -8.28 -6.74
CA LEU A 74 15.60 -7.71 -7.88
C LEU A 74 16.13 -6.32 -8.30
N ALA A 75 16.53 -5.48 -7.35
CA ALA A 75 17.14 -4.16 -7.62
C ALA A 75 18.45 -4.27 -8.49
N GLU A 76 19.17 -5.36 -8.36
CA GLU A 76 20.37 -5.65 -9.23
C GLU A 76 19.99 -6.22 -10.59
N LEU A 77 18.99 -7.07 -10.62
CA LEU A 77 18.49 -7.58 -11.93
C LEU A 77 17.75 -6.55 -12.74
N LEU A 78 17.05 -5.64 -12.07
CA LEU A 78 16.21 -4.63 -12.75
C LEU A 78 16.71 -3.28 -12.40
N ALA A 79 17.89 -2.93 -12.93
CA ALA A 79 18.57 -1.65 -12.63
C ALA A 79 17.71 -0.38 -12.79
N ASP A 80 16.89 -0.42 -13.83
CA ASP A 80 15.90 0.56 -14.18
C ASP A 80 14.89 0.92 -13.06
N LYS A 81 14.62 -0.02 -12.15
CA LYS A 81 13.64 0.14 -11.02
C LYS A 81 14.35 0.00 -9.67
N LYS A 82 15.68 0.24 -9.63
CA LYS A 82 16.41 0.10 -8.41
C LYS A 82 15.85 0.95 -7.25
N ALA A 83 15.48 2.23 -7.48
CA ALA A 83 15.08 3.06 -6.38
C ALA A 83 13.77 2.51 -5.78
N GLU A 84 12.83 2.14 -6.65
CA GLU A 84 11.57 1.50 -6.18
C GLU A 84 11.85 0.22 -5.38
N LEU A 85 12.67 -0.66 -5.92
CA LEU A 85 12.91 -1.95 -5.28
C LEU A 85 13.66 -1.76 -3.95
N VAL A 86 14.69 -0.87 -3.91
CA VAL A 86 15.31 -0.57 -2.65
C VAL A 86 14.26 -0.04 -1.60
N GLY A 87 13.37 0.86 -2.00
CA GLY A 87 12.34 1.29 -1.07
C GLY A 87 11.46 0.10 -0.56
N LEU A 88 11.07 -0.83 -1.43
CA LEU A 88 10.30 -2.01 -0.98
C LEU A 88 11.10 -2.81 -0.01
N SER A 89 12.39 -3.02 -0.25
CA SER A 89 13.24 -3.72 0.76
C SER A 89 13.23 -3.10 2.11
N LYS A 90 13.20 -1.76 2.15
CA LYS A 90 13.22 -1.05 3.41
C LYS A 90 11.90 -1.21 4.15
N MET A 91 10.75 -1.29 3.45
CA MET A 91 9.49 -1.68 4.12
C MET A 91 9.55 -3.04 4.72
N GLU A 92 10.15 -4.01 4.04
CA GLU A 92 10.27 -5.34 4.58
C GLU A 92 11.10 -5.40 5.88
N ASN A 93 12.14 -4.59 5.96
CA ASN A 93 12.88 -4.49 7.23
C ASN A 93 12.02 -4.03 8.37
N ARG A 94 11.17 -3.02 8.11
CA ARG A 94 10.26 -2.53 9.12
CA ARG A 94 10.26 -2.51 9.10
C ARG A 94 9.25 -3.61 9.51
N HIS A 95 8.75 -4.40 8.53
CA HIS A 95 7.80 -5.49 8.85
C HIS A 95 8.47 -6.51 9.75
N MET A 96 9.73 -6.83 9.42
CA MET A 96 10.46 -7.84 10.17
C MET A 96 10.60 -7.41 11.63
N LYS A 97 10.97 -6.15 11.85
CA LYS A 97 11.08 -5.54 13.18
C LYS A 97 9.78 -5.54 13.94
N GLY A 98 8.67 -5.24 13.25
CA GLY A 98 7.35 -5.23 13.84
C GLY A 98 6.98 -6.64 14.30
N PHE A 99 7.25 -7.65 13.50
CA PHE A 99 6.84 -9.00 13.90
C PHE A 99 7.77 -9.57 14.99
N GLN A 100 9.01 -9.10 15.02
CA GLN A 100 9.92 -9.46 16.14
C GLN A 100 9.37 -8.96 17.42
N ALA A 101 8.94 -7.72 17.41
CA ALA A 101 8.22 -7.07 18.54
C ALA A 101 6.95 -7.77 18.98
N CYS A 102 6.14 -8.31 18.04
CA CYS A 102 4.97 -9.17 18.40
C CYS A 102 5.32 -10.37 19.19
N GLY A 103 6.40 -10.99 18.80
CA GLY A 103 6.87 -12.18 19.53
C GLY A 103 7.30 -11.83 20.96
N ARG A 104 8.12 -10.80 21.11
CA ARG A 104 8.58 -10.34 22.44
C ARG A 104 7.39 -9.87 23.31
N ASN A 105 6.37 -9.30 22.69
CA ASN A 105 5.12 -8.95 23.41
C ASN A 105 4.43 -10.16 24.03
N LEU A 106 4.45 -11.33 23.42
CA LEU A 106 3.81 -12.50 23.99
C LEU A 106 4.81 -13.39 24.71
N LYS A 107 6.04 -12.89 24.87
CA LYS A 107 7.17 -13.65 25.43
C LYS A 107 7.41 -15.00 24.79
N VAL A 108 7.48 -14.98 23.47
CA VAL A 108 7.61 -16.17 22.69
C VAL A 108 8.92 -16.03 21.93
N THR A 109 9.78 -17.04 22.07
CA THR A 109 11.01 -17.12 21.33
C THR A 109 10.70 -17.81 19.99
N PRO A 110 11.00 -17.14 18.85
CA PRO A 110 10.64 -17.77 17.57
C PRO A 110 11.49 -18.96 17.27
N ASP A 111 10.91 -20.00 16.66
CA ASP A 111 11.63 -21.16 16.17
C ASP A 111 12.17 -20.89 14.75
N MET A 112 13.30 -20.17 14.71
CA MET A 112 13.91 -19.76 13.46
C MET A 112 14.41 -20.90 12.59
N ALA A 113 14.82 -22.04 13.17
CA ALA A 113 15.17 -23.21 12.37
C ALA A 113 14.01 -23.80 11.61
N PHE A 114 12.89 -23.92 12.29
CA PHE A 114 11.64 -24.32 11.66
C PHE A 114 11.29 -23.49 10.44
N ALA A 115 11.36 -22.17 10.63
CA ALA A 115 11.09 -21.21 9.57
C ALA A 115 11.99 -21.29 8.40
N LYS A 116 13.28 -21.46 8.65
CA LYS A 116 14.20 -21.59 7.57
C LYS A 116 13.97 -22.80 6.76
N GLN A 117 13.67 -23.92 7.40
CA GLN A 117 13.26 -25.14 6.67
C GLN A 117 12.01 -24.87 5.83
N PHE A 118 11.03 -24.21 6.45
CA PHE A 118 9.74 -23.95 5.82
C PHE A 118 9.87 -23.25 4.44
N PHE A 119 10.74 -22.25 4.37
CA PHE A 119 10.95 -21.44 3.14
C PHE A 119 11.99 -22.02 2.19
N SER A 120 12.64 -23.11 2.56
CA SER A 120 13.84 -23.53 1.85
C SER A 120 13.59 -23.78 0.37
N GLU A 121 12.43 -24.34 -0.01
CA GLU A 121 12.18 -24.65 -1.42
C GLU A 121 11.88 -23.36 -2.18
N LEU A 122 11.02 -22.49 -1.67
CA LEU A 122 10.83 -21.14 -2.30
C LEU A 122 12.10 -20.33 -2.40
N HIS A 123 12.89 -20.34 -1.34
CA HIS A 123 14.24 -19.70 -1.33
C HIS A 123 15.13 -20.26 -2.46
N LYS A 124 15.24 -21.58 -2.52
CA LYS A 124 16.07 -22.26 -3.53
C LYS A 124 15.56 -21.89 -4.93
N ASN A 125 14.25 -21.92 -5.17
CA ASN A 125 13.79 -21.53 -6.44
C ASN A 125 14.04 -20.04 -6.81
N PHE A 126 13.89 -19.14 -5.88
CA PHE A 126 14.13 -17.74 -6.23
C PHE A 126 15.61 -17.64 -6.62
N GLN A 127 16.48 -18.22 -5.81
CA GLN A 127 17.94 -18.09 -6.05
C GLN A 127 18.40 -18.68 -7.38
N THR A 128 17.88 -19.84 -7.73
CA THR A 128 18.16 -20.51 -9.04
C THR A 128 17.71 -19.63 -10.17
N ALA A 129 16.52 -19.04 -10.07
CA ALA A 129 16.06 -18.02 -11.06
C ALA A 129 16.91 -16.76 -11.15
N ALA A 130 17.15 -16.11 -10.00
CA ALA A 130 18.05 -14.97 -9.94
C ALA A 130 19.48 -15.29 -10.57
N ALA A 131 19.96 -16.48 -10.33
CA ALA A 131 21.35 -16.92 -10.72
C ALA A 131 21.47 -17.04 -12.25
N GLN A 132 20.34 -17.21 -12.93
CA GLN A 132 20.24 -17.22 -14.37
C GLN A 132 19.62 -15.96 -14.97
N GLY A 133 19.40 -14.90 -14.21
CA GLY A 133 18.75 -13.72 -14.73
C GLY A 133 17.30 -13.82 -15.10
N GLN A 134 16.57 -14.70 -14.44
CA GLN A 134 15.15 -14.89 -14.73
C GLN A 134 14.33 -13.93 -13.89
N ILE A 135 14.27 -12.71 -14.37
CA ILE A 135 13.58 -11.63 -13.64
C ILE A 135 12.10 -11.98 -13.47
N VAL A 136 11.46 -12.46 -14.53
CA VAL A 136 10.04 -12.76 -14.48
C VAL A 136 9.69 -13.81 -13.44
N THR A 137 10.48 -14.87 -13.40
CA THR A 137 10.33 -15.87 -12.34
C THR A 137 10.55 -15.34 -10.93
N CYS A 138 11.58 -14.47 -10.73
CA CYS A 138 11.81 -13.77 -9.50
C CYS A 138 10.61 -12.90 -9.09
N LEU A 139 10.07 -12.15 -10.03
CA LEU A 139 8.88 -11.34 -9.74
C LEU A 139 7.71 -12.17 -9.43
N LEU A 140 7.49 -13.27 -10.14
CA LEU A 140 6.30 -14.08 -9.82
C LEU A 140 6.40 -14.68 -8.39
N ILE A 141 7.58 -15.15 -8.02
CA ILE A 141 7.75 -15.81 -6.74
C ILE A 141 7.54 -14.75 -5.62
N GLN A 142 8.28 -13.61 -5.69
CA GLN A 142 8.23 -12.64 -4.61
C GLN A 142 7.02 -11.75 -4.64
N SER A 143 6.92 -10.97 -5.73
CA SER A 143 5.93 -9.92 -5.79
C SER A 143 4.51 -10.38 -5.93
N LEU A 144 4.29 -11.52 -6.61
CA LEU A 144 2.94 -12.03 -6.75
C LEU A 144 2.69 -13.11 -5.70
N ILE A 145 3.25 -14.30 -5.84
CA ILE A 145 2.91 -15.42 -4.96
C ILE A 145 3.12 -15.18 -3.45
N ILE A 146 4.32 -14.74 -3.09
CA ILE A 146 4.65 -14.53 -1.70
C ILE A 146 3.80 -13.36 -1.15
N GLU A 147 3.69 -12.23 -1.86
CA GLU A 147 2.92 -11.12 -1.33
C GLU A 147 1.43 -11.58 -1.22
N CYS A 148 0.92 -12.37 -2.17
CA CYS A 148 -0.50 -12.85 -2.08
C CYS A 148 -0.75 -13.72 -0.82
N PHE A 149 0.20 -14.58 -0.54
CA PHE A 149 0.25 -15.45 0.64
C PHE A 149 0.24 -14.61 1.91
N ALA A 150 1.09 -13.60 1.99
CA ALA A 150 1.08 -12.71 3.06
C ALA A 150 -0.20 -11.90 3.24
N ILE A 151 -0.72 -11.35 2.14
CA ILE A 151 -1.96 -10.55 2.20
C ILE A 151 -3.11 -11.42 2.75
N ALA A 152 -3.24 -12.66 2.24
CA ALA A 152 -4.29 -13.55 2.64
C ALA A 152 -4.14 -13.85 4.14
N ALA A 153 -2.94 -14.27 4.52
CA ALA A 153 -2.71 -14.64 5.91
C ALA A 153 -2.84 -13.52 6.92
N TYR A 154 -2.24 -12.38 6.63
CA TYR A 154 -2.22 -11.27 7.55
C TYR A 154 -3.65 -10.73 7.75
N ASN A 155 -4.44 -10.65 6.67
CA ASN A 155 -5.85 -10.24 6.83
C ASN A 155 -6.72 -11.22 7.65
N ILE A 156 -6.43 -12.51 7.59
CA ILE A 156 -7.10 -13.54 8.49
C ILE A 156 -6.59 -13.44 9.96
N TYR A 157 -5.34 -13.04 10.16
CA TYR A 157 -4.79 -12.92 11.50
C TYR A 157 -5.32 -11.71 12.22
N ILE A 158 -5.54 -10.63 11.49
CA ILE A 158 -5.84 -9.35 12.08
C ILE A 158 -7.04 -9.46 13.08
N PRO A 159 -8.15 -10.13 12.69
CA PRO A 159 -9.27 -10.10 13.67
C PRO A 159 -9.16 -11.08 14.81
N VAL A 160 -8.17 -11.97 14.81
CA VAL A 160 -7.92 -12.83 15.95
C VAL A 160 -6.66 -12.51 16.73
N ALA A 161 -5.86 -11.52 16.28
CA ALA A 161 -4.59 -11.14 16.95
C ALA A 161 -4.80 -10.42 18.26
N ASP A 162 -3.81 -10.57 19.13
CA ASP A 162 -3.72 -9.64 20.30
C ASP A 162 -3.64 -8.18 19.83
N ASP A 163 -4.04 -7.22 20.68
CA ASP A 163 -4.17 -5.80 20.29
C ASP A 163 -2.92 -5.19 19.70
N PHE A 164 -1.77 -5.51 20.30
CA PHE A 164 -0.51 -4.98 19.86
C PHE A 164 -0.14 -5.55 18.44
N ALA A 165 -0.24 -6.88 18.29
CA ALA A 165 0.01 -7.56 17.02
C ALA A 165 -1.02 -7.16 15.96
N ARG A 166 -2.26 -6.86 16.37
CA ARG A 166 -3.27 -6.38 15.42
C ARG A 166 -2.86 -5.06 14.82
N LYS A 167 -2.38 -4.14 15.63
CA LYS A 167 -1.99 -2.84 15.10
C LYS A 167 -0.79 -2.92 14.15
N ILE A 168 0.16 -3.75 14.53
CA ILE A 168 1.38 -3.95 13.71
C ILE A 168 0.97 -4.51 12.36
N THR A 169 0.16 -5.57 12.39
CA THR A 169 -0.22 -6.32 11.20
C THR A 169 -1.04 -5.43 10.29
N GLU A 170 -1.94 -4.63 10.87
CA GLU A 170 -2.64 -3.66 10.03
C GLU A 170 -1.75 -2.73 9.26
N GLY A 171 -0.67 -2.22 9.86
CA GLY A 171 0.21 -1.37 9.06
C GLY A 171 0.99 -2.14 7.98
N VAL A 172 1.39 -3.37 8.28
CA VAL A 172 2.16 -4.18 7.37
C VAL A 172 1.30 -4.46 6.16
N VAL A 173 0.07 -4.88 6.36
CA VAL A 173 -0.74 -5.29 5.24
C VAL A 173 -1.07 -4.10 4.36
N LYS A 174 -1.19 -2.93 4.96
CA LYS A 174 -1.38 -1.70 4.15
C LYS A 174 -0.23 -1.49 3.16
N GLU A 175 0.98 -1.80 3.59
CA GLU A 175 2.14 -1.72 2.72
C GLU A 175 2.27 -2.84 1.68
N GLU A 176 1.85 -4.08 2.02
N GLU A 176 1.80 -4.06 2.03
CA GLU A 176 2.06 -5.23 1.13
CA GLU A 176 1.89 -5.22 1.15
C GLU A 176 1.24 -5.05 -0.16
C GLU A 176 1.28 -4.97 -0.16
N TYR A 177 0.16 -4.26 -0.15
CA TYR A 177 -0.51 -3.97 -1.44
C TYR A 177 0.39 -3.25 -2.49
N SER A 178 1.26 -2.35 -2.04
CA SER A 178 2.18 -1.66 -2.95
C SER A 178 3.19 -2.69 -3.54
N HIS A 179 3.52 -3.70 -2.76
CA HIS A 179 4.52 -4.71 -3.24
C HIS A 179 3.93 -5.53 -4.39
N LEU A 180 2.73 -6.03 -4.16
CA LEU A 180 1.97 -6.70 -5.16
C LEU A 180 1.76 -5.81 -6.39
N ASN A 181 1.45 -4.53 -6.18
CA ASN A 181 1.12 -3.67 -7.32
C ASN A 181 2.39 -3.46 -8.15
N PHE A 182 3.55 -3.33 -7.50
CA PHE A 182 4.80 -3.18 -8.25
C PHE A 182 4.96 -4.30 -9.30
N GLY A 183 4.81 -5.58 -8.86
CA GLY A 183 4.88 -6.70 -9.72
C GLY A 183 3.78 -6.75 -10.78
N GLU A 184 2.57 -6.39 -10.41
CA GLU A 184 1.49 -6.40 -11.35
C GLU A 184 1.76 -5.35 -12.50
N VAL A 185 2.20 -4.18 -12.12
CA VAL A 185 2.47 -3.08 -13.07
C VAL A 185 3.60 -3.45 -14.02
N TRP A 186 4.68 -3.97 -13.48
CA TRP A 186 5.80 -4.30 -14.29
C TRP A 186 5.45 -5.46 -15.24
N LEU A 187 4.84 -6.52 -14.72
CA LEU A 187 4.58 -7.66 -15.54
C LEU A 187 3.48 -7.34 -16.57
N GLN A 188 2.47 -6.54 -16.20
CA GLN A 188 1.50 -6.06 -17.15
C GLN A 188 2.21 -5.33 -18.35
N ALA A 189 3.20 -4.51 -18.02
CA ALA A 189 3.85 -3.67 -19.06
C ALA A 189 4.73 -4.52 -19.97
N HIS A 190 5.11 -5.73 -19.54
CA HIS A 190 5.94 -6.72 -20.27
C HIS A 190 5.22 -8.03 -20.55
N PHE A 191 3.89 -7.99 -20.60
CA PHE A 191 3.11 -9.22 -20.52
C PHE A 191 3.42 -10.23 -21.65
N GLU A 192 3.29 -9.81 -22.92
CA GLU A 192 3.47 -10.75 -24.02
C GLU A 192 4.85 -11.42 -23.98
N GLU A 193 5.88 -10.64 -23.69
CA GLU A 193 7.23 -11.15 -23.67
C GLU A 193 7.44 -12.06 -22.43
N SER A 194 6.68 -11.79 -21.37
CA SER A 194 6.84 -12.58 -20.11
C SER A 194 5.94 -13.79 -19.95
N LYS A 195 4.92 -13.89 -20.77
CA LYS A 195 3.83 -14.85 -20.58
C LYS A 195 4.25 -16.31 -20.42
N ALA A 196 5.09 -16.80 -21.35
CA ALA A 196 5.60 -18.17 -21.31
C ALA A 196 6.32 -18.44 -19.96
N GLU A 197 7.25 -17.57 -19.62
CA GLU A 197 7.99 -17.69 -18.35
C GLU A 197 7.06 -17.68 -17.13
N LEU A 198 6.07 -16.76 -17.13
CA LEU A 198 5.08 -16.71 -16.07
C LEU A 198 4.36 -18.05 -15.91
N GLU A 199 3.95 -18.67 -17.03
CA GLU A 199 3.29 -19.99 -16.98
C GLU A 199 4.19 -21.05 -16.41
N ALA A 200 5.47 -21.05 -16.79
CA ALA A 200 6.42 -22.07 -16.30
C ALA A 200 6.72 -21.83 -14.84
N ALA A 201 6.89 -20.56 -14.43
CA ALA A 201 7.11 -20.25 -13.02
C ALA A 201 5.88 -20.59 -12.12
N ASN A 202 4.70 -20.34 -12.63
CA ASN A 202 3.52 -20.79 -11.92
C ASN A 202 3.47 -22.31 -11.72
N ARG A 203 3.75 -23.09 -12.78
CA ARG A 203 3.79 -24.59 -12.68
C ARG A 203 4.79 -25.05 -11.64
N GLN A 204 5.93 -24.35 -11.55
CA GLN A 204 7.02 -24.72 -10.61
C GLN A 204 6.71 -24.30 -9.18
N ASN A 205 6.13 -23.13 -8.97
CA ASN A 205 6.06 -22.59 -7.65
C ASN A 205 4.75 -22.56 -6.96
N LEU A 206 3.65 -22.57 -7.69
CA LEU A 206 2.36 -22.63 -7.04
C LEU A 206 2.15 -23.89 -6.19
N PRO A 207 2.66 -25.05 -6.62
CA PRO A 207 2.53 -26.29 -5.79
C PRO A 207 3.30 -26.13 -4.50
N ILE A 208 4.38 -25.35 -4.55
CA ILE A 208 5.17 -25.09 -3.29
C ILE A 208 4.34 -24.30 -2.35
N ILE A 209 3.77 -23.18 -2.80
CA ILE A 209 2.89 -22.46 -1.91
C ILE A 209 1.75 -23.28 -1.36
N TRP A 210 1.13 -24.13 -2.14
CA TRP A 210 0.05 -24.97 -1.54
C TRP A 210 0.55 -25.92 -0.41
N LYS A 211 1.79 -26.42 -0.52
CA LYS A 211 2.37 -27.26 0.58
C LYS A 211 2.60 -26.47 1.83
N LEU A 212 3.03 -25.20 1.68
CA LEU A 212 3.23 -24.29 2.81
C LEU A 212 1.90 -23.97 3.54
N LEU A 213 0.91 -23.68 2.73
CA LEU A 213 -0.45 -23.47 3.23
C LEU A 213 -0.96 -24.68 3.98
N ASN A 214 -0.80 -25.86 3.40
CA ASN A 214 -1.19 -27.08 4.15
C ASN A 214 -0.34 -27.32 5.37
N ALA A 215 0.95 -27.06 5.26
CA ALA A 215 1.84 -27.25 6.41
C ALA A 215 1.62 -26.33 7.61
N VAL A 216 1.21 -25.07 7.37
CA VAL A 216 0.98 -24.11 8.49
C VAL A 216 -0.40 -24.23 9.17
N ALA A 217 -1.32 -24.95 8.53
CA ALA A 217 -2.76 -24.93 8.86
C ALA A 217 -3.01 -25.24 10.31
N ASP A 218 -2.36 -26.28 10.85
CA ASP A 218 -2.58 -26.67 12.30
C ASP A 218 -2.21 -25.60 13.29
N ASP A 219 -1.00 -25.06 13.17
CA ASP A 219 -0.62 -23.95 14.00
C ASP A 219 -1.52 -22.72 13.76
N ALA A 220 -1.86 -22.43 12.51
CA ALA A 220 -2.73 -21.28 12.21
C ALA A 220 -4.12 -21.43 12.93
N ARG A 221 -4.67 -22.64 12.89
CA ARG A 221 -5.92 -22.95 13.65
C ARG A 221 -5.80 -22.68 15.11
N VAL A 222 -4.69 -23.10 15.73
CA VAL A 222 -4.46 -22.75 17.14
C VAL A 222 -4.55 -21.25 17.35
N LEU A 223 -4.11 -20.42 16.37
CA LEU A 223 -4.21 -18.98 16.54
C LEU A 223 -5.58 -18.39 16.26
N GLY A 224 -6.51 -19.22 15.76
CA GLY A 224 -7.88 -18.80 15.43
C GLY A 224 -8.15 -18.61 13.95
N MET A 225 -7.28 -19.10 13.09
CA MET A 225 -7.36 -18.79 11.66
C MET A 225 -7.86 -20.04 11.01
N GLU A 226 -8.98 -19.97 10.26
CA GLU A 226 -9.39 -21.16 9.51
C GLU A 226 -8.57 -21.34 8.24
N LYS A 227 -8.17 -22.58 8.02
CA LYS A 227 -7.43 -23.01 6.81
C LYS A 227 -8.18 -22.73 5.51
N ASP A 228 -9.47 -23.04 5.47
CA ASP A 228 -10.26 -22.88 4.26
C ASP A 228 -10.32 -21.44 3.87
N ALA A 229 -10.32 -20.54 4.87
CA ALA A 229 -10.35 -19.09 4.58
C ALA A 229 -8.99 -18.72 3.96
N LEU A 230 -7.93 -19.33 4.40
CA LEU A 230 -6.57 -18.97 3.95
C LEU A 230 -6.38 -19.41 2.51
N ILE A 231 -6.81 -20.65 2.20
CA ILE A 231 -6.77 -21.21 0.83
C ILE A 231 -7.55 -20.32 -0.10
N GLU A 232 -8.78 -20.03 0.26
CA GLU A 232 -9.68 -19.21 -0.54
C GLU A 232 -9.16 -17.81 -0.75
N ASP A 233 -8.63 -17.20 0.30
CA ASP A 233 -8.16 -15.84 0.19
C ASP A 233 -6.89 -15.74 -0.62
N PHE A 234 -6.01 -16.74 -0.57
CA PHE A 234 -4.82 -16.75 -1.42
C PHE A 234 -5.16 -16.89 -2.89
N MET A 235 -6.08 -17.81 -3.19
CA MET A 235 -6.52 -18.05 -4.56
C MET A 235 -7.23 -16.82 -5.15
N ILE A 236 -8.09 -16.13 -4.39
CA ILE A 236 -8.70 -14.86 -4.81
C ILE A 236 -7.65 -13.82 -5.14
N ALA A 237 -6.74 -13.58 -4.17
CA ALA A 237 -5.72 -12.56 -4.33
C ALA A 237 -4.80 -12.90 -5.53
N TYR A 238 -4.37 -14.14 -5.68
CA TYR A 238 -3.45 -14.51 -6.70
C TYR A 238 -4.13 -14.51 -8.07
N GLY A 239 -5.37 -14.98 -8.15
CA GLY A 239 -6.13 -14.87 -9.40
C GLY A 239 -6.40 -13.49 -9.88
N GLU A 240 -6.72 -12.58 -8.97
CA GLU A 240 -6.90 -11.22 -9.33
C GLU A 240 -5.60 -10.57 -9.86
N ALA A 241 -4.47 -10.89 -9.24
CA ALA A 241 -3.17 -10.48 -9.71
C ALA A 241 -2.86 -10.98 -11.10
N LEU A 242 -3.10 -12.26 -11.36
CA LEU A 242 -2.93 -12.78 -12.73
C LEU A 242 -3.84 -12.09 -13.76
N GLY A 243 -5.03 -11.75 -13.34
CA GLY A 243 -5.97 -11.03 -14.18
C GLY A 243 -5.45 -9.65 -14.50
N ASN A 244 -4.91 -8.95 -13.50
CA ASN A 244 -4.34 -7.59 -13.75
C ASN A 244 -3.17 -7.59 -14.68
N ILE A 245 -2.37 -8.67 -14.68
CA ILE A 245 -1.19 -8.69 -15.53
C ILE A 245 -1.54 -8.92 -17.00
N GLY A 246 -2.68 -9.55 -17.25
CA GLY A 246 -3.23 -9.73 -18.59
C GLY A 246 -3.70 -11.13 -18.90
N PHE A 247 -3.68 -12.09 -17.94
CA PHE A 247 -4.26 -13.39 -18.21
C PHE A 247 -5.76 -13.39 -18.28
N ASN A 248 -6.34 -14.09 -19.26
CA ASN A 248 -7.81 -14.20 -19.34
C ASN A 248 -8.35 -15.19 -18.31
N ASN A 249 -9.68 -15.25 -18.14
CA ASN A 249 -10.26 -16.09 -17.11
C ASN A 249 -10.02 -17.58 -17.24
N ARG A 250 -9.99 -18.10 -18.46
CA ARG A 250 -9.59 -19.47 -18.66
C ARG A 250 -8.16 -19.76 -18.25
N ASP A 251 -7.25 -18.86 -18.61
CA ASP A 251 -5.85 -19.04 -18.25
C ASP A 251 -5.71 -19.01 -16.72
N ILE A 252 -6.46 -18.11 -16.06
CA ILE A 252 -6.40 -18.03 -14.59
C ILE A 252 -6.84 -19.31 -13.96
N MET A 253 -7.97 -19.83 -14.43
CA MET A 253 -8.42 -21.16 -14.00
C MET A 253 -7.40 -22.31 -14.27
N ARG A 254 -6.81 -22.34 -15.46
CA ARG A 254 -5.76 -23.30 -15.84
C ARG A 254 -4.55 -23.20 -14.88
N MET A 255 -4.12 -21.96 -14.64
CA MET A 255 -2.94 -21.71 -13.79
C MET A 255 -3.26 -22.07 -12.31
N SER A 256 -4.45 -21.66 -11.86
CA SER A 256 -4.91 -21.96 -10.50
C SER A 256 -4.93 -23.45 -10.21
N ALA A 257 -5.12 -24.26 -11.26
CA ALA A 257 -5.07 -25.72 -11.15
C ALA A 257 -3.71 -26.35 -10.86
N GLN A 258 -2.60 -25.62 -10.88
CA GLN A 258 -1.29 -26.26 -10.80
C GLN A 258 -0.79 -26.43 -9.36
N ILE B 42 -23.74 5.96 -16.33
CA ILE B 42 -23.52 7.43 -16.20
C ILE B 42 -23.52 8.19 -17.57
N ASP B 43 -23.06 7.51 -18.59
CA ASP B 43 -22.64 8.09 -19.85
C ASP B 43 -21.39 8.96 -19.65
N PHE B 44 -20.25 8.31 -19.93
CA PHE B 44 -18.93 8.89 -19.83
C PHE B 44 -18.58 9.80 -21.01
N GLN B 45 -19.48 9.95 -21.99
CA GLN B 45 -19.16 10.73 -23.17
C GLN B 45 -20.06 11.93 -23.44
N THR B 46 -20.92 12.24 -22.49
CA THR B 46 -21.70 13.48 -22.50
C THR B 46 -20.74 14.65 -22.37
N GLU B 47 -21.19 15.79 -22.89
CA GLU B 47 -20.37 17.00 -22.75
C GLU B 47 -20.34 17.44 -21.26
N THR B 48 -21.42 17.19 -20.49
CA THR B 48 -21.50 17.49 -19.03
C THR B 48 -20.47 16.65 -18.20
N TYR B 49 -20.37 15.38 -18.54
CA TYR B 49 -19.43 14.49 -17.84
C TYR B 49 -18.01 14.94 -18.16
N LYS B 50 -17.74 15.04 -19.43
CA LYS B 50 -16.41 15.50 -19.87
C LYS B 50 -15.90 16.87 -19.32
N ASP B 51 -16.80 17.85 -19.27
CA ASP B 51 -16.51 19.14 -18.64
C ASP B 51 -16.11 18.99 -17.16
N ALA B 52 -16.91 18.25 -16.38
CA ALA B 52 -16.54 17.99 -14.98
C ALA B 52 -15.23 17.19 -14.84
N TYR B 53 -15.09 16.16 -15.66
CA TYR B 53 -13.88 15.37 -15.68
C TYR B 53 -12.65 16.18 -16.03
N SER B 54 -12.77 17.19 -16.91
CA SER B 54 -11.65 18.08 -17.21
C SER B 54 -11.06 18.79 -15.97
N ARG B 55 -11.87 19.19 -15.01
CA ARG B 55 -11.35 19.77 -13.82
C ARG B 55 -10.89 18.71 -12.83
N ILE B 56 -11.64 17.64 -12.68
CA ILE B 56 -11.29 16.62 -11.66
C ILE B 56 -10.00 15.90 -12.09
N ASN B 57 -9.94 15.57 -13.36
CA ASN B 57 -8.71 14.92 -13.96
C ASN B 57 -7.50 15.82 -13.76
N ALA B 58 -7.68 17.16 -13.95
CA ALA B 58 -6.61 18.11 -13.69
C ALA B 58 -6.12 18.14 -12.26
N ILE B 59 -7.06 18.18 -11.32
CA ILE B 59 -6.78 18.21 -9.90
C ILE B 59 -6.04 16.99 -9.51
N VAL B 60 -6.47 15.84 -10.00
CA VAL B 60 -5.71 14.58 -9.65
C VAL B 60 -4.32 14.57 -10.21
N ILE B 61 -4.12 15.04 -11.44
CA ILE B 61 -2.83 15.03 -12.11
C ILE B 61 -1.91 15.97 -11.36
N GLU B 62 -2.42 17.17 -11.07
CA GLU B 62 -1.67 18.14 -10.30
C GLU B 62 -1.33 17.67 -8.88
N GLY B 63 -2.25 16.97 -8.20
CA GLY B 63 -2.03 16.41 -6.89
C GLY B 63 -0.90 15.39 -6.89
N GLU B 64 -0.92 14.53 -7.90
CA GLU B 64 0.08 13.46 -8.01
C GLU B 64 1.50 14.10 -8.26
N GLN B 65 1.51 15.13 -9.10
CA GLN B 65 2.76 15.86 -9.36
C GLN B 65 3.30 16.55 -8.11
N GLU B 66 2.46 17.27 -7.36
CA GLU B 66 2.79 17.80 -6.04
C GLU B 66 3.27 16.76 -5.07
N ALA B 67 2.59 15.61 -4.96
CA ALA B 67 3.05 14.57 -4.10
C ALA B 67 4.47 14.08 -4.46
N HIS B 68 4.70 13.93 -5.76
CA HIS B 68 6.01 13.49 -6.26
C HIS B 68 7.08 14.46 -5.72
N ASP B 69 6.82 15.74 -5.92
CA ASP B 69 7.76 16.81 -5.51
C ASP B 69 7.91 16.87 -4.02
N ASN B 70 6.80 16.69 -3.29
CA ASN B 70 6.79 16.69 -1.85
C ASN B 70 7.58 15.56 -1.22
N TYR B 71 7.44 14.36 -1.78
CA TYR B 71 8.24 13.25 -1.28
C TYR B 71 9.76 13.44 -1.54
N LEU B 72 10.08 14.03 -2.69
CA LEU B 72 11.51 14.35 -3.00
C LEU B 72 12.08 15.42 -2.05
N THR B 73 11.25 16.41 -1.68
CA THR B 73 11.61 17.36 -0.62
C THR B 73 11.81 16.70 0.77
N LEU B 74 10.89 15.83 1.14
CA LEU B 74 11.02 15.05 2.34
C LEU B 74 12.27 14.15 2.38
N ALA B 75 12.63 13.54 1.25
CA ALA B 75 13.88 12.74 1.15
C ALA B 75 15.11 13.59 1.57
N GLU B 76 15.10 14.86 1.19
CA GLU B 76 16.15 15.85 1.60
C GLU B 76 16.12 16.24 3.06
N LEU B 77 14.93 16.51 3.61
CA LEU B 77 14.77 16.79 5.05
C LEU B 77 15.01 15.58 5.97
N LEU B 78 14.64 14.38 5.52
CA LEU B 78 14.85 13.13 6.23
C LEU B 78 15.82 12.26 5.51
N ALA B 79 17.11 12.60 5.63
CA ALA B 79 18.18 11.77 5.08
C ALA B 79 18.18 10.30 5.50
N ASP B 80 17.80 10.00 6.74
CA ASP B 80 17.73 8.63 7.23
C ASP B 80 16.74 7.73 6.39
N LYS B 81 15.78 8.39 5.74
CA LYS B 81 14.69 7.72 5.01
C LYS B 81 14.65 8.10 3.52
N LYS B 82 15.79 8.56 2.97
CA LYS B 82 15.84 9.00 1.59
C LYS B 82 15.44 7.88 0.62
N ALA B 83 15.92 6.67 0.84
CA ALA B 83 15.55 5.60 -0.06
C ALA B 83 14.02 5.36 -0.10
N GLU B 84 13.39 5.25 1.06
CA GLU B 84 11.92 5.05 1.13
C GLU B 84 11.19 6.15 0.37
N LEU B 85 11.58 7.39 0.68
CA LEU B 85 10.93 8.60 0.16
C LEU B 85 11.09 8.82 -1.30
N VAL B 86 12.28 8.55 -1.85
CA VAL B 86 12.45 8.54 -3.28
C VAL B 86 11.50 7.47 -3.92
N GLY B 87 11.40 6.31 -3.31
CA GLY B 87 10.56 5.25 -3.91
C GLY B 87 9.09 5.72 -3.90
N LEU B 88 8.65 6.37 -2.82
CA LEU B 88 7.31 6.94 -2.82
C LEU B 88 7.12 7.95 -3.90
N SER B 89 8.10 8.81 -4.16
CA SER B 89 8.00 9.78 -5.28
C SER B 89 7.83 9.12 -6.66
N LYS B 90 8.54 8.01 -6.87
CA LYS B 90 8.42 7.21 -8.05
C LYS B 90 6.98 6.65 -8.27
N MET B 91 6.38 6.17 -7.20
CA MET B 91 4.99 5.76 -7.30
C MET B 91 4.10 6.93 -7.74
N GLU B 92 4.33 8.08 -7.15
CA GLU B 92 3.51 9.28 -7.43
C GLU B 92 3.66 9.65 -8.92
N ASN B 93 4.85 9.45 -9.51
CA ASN B 93 5.00 9.72 -10.92
C ASN B 93 4.16 8.76 -11.78
N ARG B 94 4.12 7.49 -11.38
CA ARG B 94 3.36 6.52 -12.10
C ARG B 94 1.83 6.84 -11.96
N HIS B 95 1.43 7.29 -10.76
CA HIS B 95 0.03 7.72 -10.54
C HIS B 95 -0.32 8.81 -11.53
N MET B 96 0.54 9.84 -11.60
CA MET B 96 0.31 10.97 -12.51
C MET B 96 0.10 10.54 -13.95
N LYS B 97 0.99 9.68 -14.47
CA LYS B 97 0.86 9.12 -15.83
C LYS B 97 -0.37 8.27 -16.05
N GLY B 98 -0.76 7.53 -15.01
CA GLY B 98 -2.01 6.78 -15.02
C GLY B 98 -3.22 7.66 -15.18
N PHE B 99 -3.25 8.74 -14.41
CA PHE B 99 -4.41 9.60 -14.51
C PHE B 99 -4.40 10.43 -15.78
N GLN B 100 -3.24 10.82 -16.24
CA GLN B 100 -3.10 11.40 -17.60
C GLN B 100 -3.75 10.49 -18.67
N ALA B 101 -3.40 9.20 -18.65
CA ALA B 101 -4.05 8.21 -19.53
C ALA B 101 -5.60 8.19 -19.38
N CYS B 102 -6.11 8.26 -18.15
CA CYS B 102 -7.54 8.30 -17.91
C CYS B 102 -8.28 9.43 -18.59
N GLY B 103 -7.71 10.64 -18.55
CA GLY B 103 -8.31 11.74 -19.28
C GLY B 103 -8.25 11.56 -20.79
N ARG B 104 -7.14 11.03 -21.25
CA ARG B 104 -6.96 10.77 -22.69
C ARG B 104 -7.95 9.77 -23.23
N ASN B 105 -8.17 8.72 -22.45
CA ASN B 105 -9.15 7.69 -22.72
C ASN B 105 -10.56 8.26 -22.84
N LEU B 106 -10.86 9.33 -22.09
CA LEU B 106 -12.17 9.98 -22.12
C LEU B 106 -12.25 11.17 -23.10
N LYS B 107 -11.15 11.43 -23.80
CA LYS B 107 -10.95 12.54 -24.74
C LYS B 107 -11.30 13.89 -24.10
N VAL B 108 -10.74 14.08 -22.92
CA VAL B 108 -10.96 15.26 -22.09
C VAL B 108 -9.66 16.00 -22.16
N THR B 109 -9.66 17.33 -22.22
CA THR B 109 -8.38 18.05 -22.04
C THR B 109 -8.36 18.68 -20.63
N PRO B 110 -7.34 18.30 -19.80
CA PRO B 110 -7.51 18.68 -18.40
C PRO B 110 -7.33 20.18 -18.18
N ASP B 111 -8.10 20.80 -17.27
CA ASP B 111 -7.90 22.26 -16.98
C ASP B 111 -6.78 22.53 -15.96
N MET B 112 -5.52 22.52 -16.40
CA MET B 112 -4.41 22.51 -15.45
C MET B 112 -4.27 23.79 -14.65
N ALA B 113 -4.66 24.92 -15.22
CA ALA B 113 -4.67 26.21 -14.48
C ALA B 113 -5.57 26.15 -13.29
N PHE B 114 -6.76 25.59 -13.51
CA PHE B 114 -7.70 25.38 -12.42
C PHE B 114 -7.07 24.59 -11.29
N ALA B 115 -6.35 23.52 -11.67
CA ALA B 115 -5.79 22.59 -10.67
C ALA B 115 -4.68 23.26 -9.88
N LYS B 116 -3.84 24.03 -10.54
CA LYS B 116 -2.75 24.77 -9.87
C LYS B 116 -3.34 25.72 -8.83
N GLN B 117 -4.44 26.40 -9.14
CA GLN B 117 -5.02 27.32 -8.16
C GLN B 117 -5.65 26.61 -6.98
N PHE B 118 -6.34 25.51 -7.26
CA PHE B 118 -6.89 24.56 -6.24
C PHE B 118 -5.87 24.11 -5.18
N PHE B 119 -4.67 23.77 -5.62
CA PHE B 119 -3.59 23.30 -4.74
C PHE B 119 -2.71 24.47 -4.15
N SER B 120 -2.99 25.73 -4.47
CA SER B 120 -1.97 26.78 -4.19
C SER B 120 -1.72 27.00 -2.73
N GLU B 121 -2.74 26.93 -1.87
CA GLU B 121 -2.53 27.10 -0.46
C GLU B 121 -1.83 25.89 0.26
N LEU B 122 -2.18 24.65 -0.11
CA LEU B 122 -1.43 23.52 0.39
C LEU B 122 0.02 23.53 -0.08
N HIS B 123 0.18 23.90 -1.31
CA HIS B 123 1.48 24.02 -1.87
C HIS B 123 2.33 25.04 -1.09
N LYS B 124 1.72 26.22 -0.87
CA LYS B 124 2.40 27.34 -0.17
C LYS B 124 2.78 26.93 1.23
N ASN B 125 1.88 26.30 1.98
CA ASN B 125 2.14 25.81 3.33
C ASN B 125 3.19 24.73 3.42
N PHE B 126 3.26 23.91 2.39
CA PHE B 126 4.27 22.87 2.37
C PHE B 126 5.65 23.50 2.13
N GLN B 127 5.77 24.35 1.12
CA GLN B 127 7.03 25.02 0.81
C GLN B 127 7.61 25.80 1.98
N THR B 128 6.75 26.45 2.76
CA THR B 128 7.15 27.19 3.96
C THR B 128 7.68 26.28 5.05
N ALA B 129 6.99 25.18 5.30
CA ALA B 129 7.40 24.28 6.35
C ALA B 129 8.72 23.68 5.95
N ALA B 130 8.83 23.37 4.67
CA ALA B 130 10.03 22.70 4.15
C ALA B 130 11.25 23.59 4.28
N ALA B 131 11.09 24.86 3.91
CA ALA B 131 12.23 25.79 4.00
C ALA B 131 12.76 25.98 5.44
N GLN B 132 11.96 25.58 6.45
CA GLN B 132 12.31 25.64 7.85
C GLN B 132 12.61 24.28 8.48
N GLY B 133 12.78 23.26 7.64
CA GLY B 133 13.11 21.92 8.14
C GLY B 133 12.05 21.29 9.01
N GLN B 134 10.79 21.71 8.84
CA GLN B 134 9.68 21.16 9.60
C GLN B 134 9.19 19.86 8.97
N ILE B 135 9.94 18.79 9.26
CA ILE B 135 9.56 17.44 8.89
C ILE B 135 8.10 17.15 9.33
N VAL B 136 7.70 17.59 10.53
CA VAL B 136 6.42 17.18 11.11
C VAL B 136 5.22 17.74 10.32
N THR B 137 5.31 19.03 9.99
CA THR B 137 4.29 19.74 9.24
C THR B 137 4.21 19.26 7.77
N CYS B 138 5.35 18.97 7.17
CA CYS B 138 5.45 18.42 5.82
C CYS B 138 4.82 17.06 5.72
N LEU B 139 5.14 16.19 6.67
CA LEU B 139 4.48 14.88 6.81
C LEU B 139 2.98 14.97 7.07
N LEU B 140 2.54 15.85 7.97
CA LEU B 140 1.12 15.98 8.18
C LEU B 140 0.36 16.45 6.96
N ILE B 141 0.92 17.38 6.21
CA ILE B 141 0.25 17.88 5.02
C ILE B 141 0.23 16.83 3.93
N GLN B 142 1.41 16.29 3.58
CA GLN B 142 1.44 15.38 2.41
C GLN B 142 0.95 13.95 2.85
N SER B 143 1.67 13.34 3.78
CA SER B 143 1.46 11.90 4.10
C SER B 143 0.19 11.61 4.83
N LEU B 144 -0.35 12.56 5.63
CA LEU B 144 -1.58 12.26 6.34
C LEU B 144 -2.73 12.92 5.67
N ILE B 145 -2.77 14.25 5.64
CA ILE B 145 -3.93 14.94 5.12
C ILE B 145 -4.23 14.69 3.65
N ILE B 146 -3.26 14.91 2.79
CA ILE B 146 -3.51 14.76 1.38
C ILE B 146 -3.73 13.25 1.00
N GLU B 147 -2.95 12.35 1.57
CA GLU B 147 -3.14 10.91 1.24
C GLU B 147 -4.52 10.48 1.74
N CYS B 148 -4.97 10.98 2.92
CA CYS B 148 -6.32 10.56 3.40
C CYS B 148 -7.43 11.05 2.51
N PHE B 149 -7.22 12.25 1.99
CA PHE B 149 -8.18 12.81 1.08
C PHE B 149 -8.25 12.05 -0.23
N ALA B 150 -7.09 11.73 -0.78
CA ALA B 150 -6.99 10.94 -2.01
C ALA B 150 -7.57 9.53 -1.80
N ILE B 151 -7.24 8.91 -0.68
CA ILE B 151 -7.78 7.53 -0.35
C ILE B 151 -9.33 7.57 -0.32
N ALA B 152 -9.88 8.56 0.37
CA ALA B 152 -11.31 8.70 0.50
C ALA B 152 -11.93 8.90 -0.86
N ALA B 153 -11.36 9.83 -1.62
CA ALA B 153 -11.90 10.19 -2.91
C ALA B 153 -11.77 9.09 -3.98
N TYR B 154 -10.58 8.51 -4.06
CA TYR B 154 -10.38 7.43 -5.00
C TYR B 154 -11.31 6.23 -4.77
N ASN B 155 -11.52 5.88 -3.51
CA ASN B 155 -12.34 4.76 -3.14
C ASN B 155 -13.82 5.05 -3.45
N ILE B 156 -14.23 6.34 -3.48
CA ILE B 156 -15.59 6.68 -3.86
C ILE B 156 -15.68 6.73 -5.36
N TYR B 157 -14.60 7.09 -6.06
CA TYR B 157 -14.62 7.09 -7.49
C TYR B 157 -14.71 5.69 -8.07
N ILE B 158 -13.98 4.74 -7.47
CA ILE B 158 -13.78 3.41 -8.10
C ILE B 158 -15.13 2.76 -8.58
N PRO B 159 -16.15 2.74 -7.69
CA PRO B 159 -17.42 2.07 -8.19
C PRO B 159 -18.15 2.80 -9.31
N VAL B 160 -17.86 4.08 -9.54
CA VAL B 160 -18.53 4.82 -10.62
C VAL B 160 -17.72 5.13 -11.80
N ALA B 161 -16.45 4.73 -11.79
CA ALA B 161 -15.58 5.07 -12.82
C ALA B 161 -15.81 4.15 -13.98
N ASP B 162 -15.43 4.62 -15.15
CA ASP B 162 -15.35 3.80 -16.39
C ASP B 162 -14.35 2.68 -16.20
N ASP B 163 -14.44 1.62 -17.01
CA ASP B 163 -13.61 0.41 -16.73
C ASP B 163 -12.09 0.63 -16.75
N PHE B 164 -11.60 1.42 -17.69
CA PHE B 164 -10.21 1.73 -17.76
C PHE B 164 -9.75 2.48 -16.48
N ALA B 165 -10.46 3.55 -16.14
CA ALA B 165 -10.10 4.40 -14.99
C ALA B 165 -10.26 3.65 -13.72
N ARG B 166 -11.24 2.72 -13.66
CA ARG B 166 -11.42 1.89 -12.51
C ARG B 166 -10.14 1.09 -12.20
N LYS B 167 -9.60 0.44 -13.21
CA LYS B 167 -8.44 -0.44 -12.99
C LYS B 167 -7.21 0.38 -12.57
N ILE B 168 -7.00 1.51 -13.26
CA ILE B 168 -5.91 2.45 -12.88
C ILE B 168 -6.08 2.93 -11.46
N THR B 169 -7.29 3.38 -11.06
CA THR B 169 -7.49 3.92 -9.73
C THR B 169 -7.33 2.90 -8.59
N GLU B 170 -7.78 1.65 -8.88
CA GLU B 170 -7.59 0.54 -7.97
C GLU B 170 -6.12 0.31 -7.63
N GLY B 171 -5.24 0.30 -8.66
CA GLY B 171 -3.74 0.20 -8.55
C GLY B 171 -3.16 1.34 -7.71
N VAL B 172 -3.60 2.57 -8.01
CA VAL B 172 -3.17 3.79 -7.26
C VAL B 172 -3.53 3.72 -5.82
N VAL B 173 -4.81 3.43 -5.49
CA VAL B 173 -5.23 3.47 -4.13
C VAL B 173 -4.52 2.40 -3.28
N LYS B 174 -4.22 1.27 -3.88
CA LYS B 174 -3.44 0.20 -3.22
C LYS B 174 -2.08 0.75 -2.76
N GLU B 175 -1.47 1.61 -3.56
CA GLU B 175 -0.18 2.24 -3.20
C GLU B 175 -0.27 3.37 -2.20
N GLU B 176 -1.33 4.19 -2.28
N GLU B 176 -1.34 4.16 -2.27
CA GLU B 176 -1.53 5.30 -1.34
CA GLU B 176 -1.62 5.21 -1.32
C GLU B 176 -1.61 4.86 0.15
C GLU B 176 -1.51 4.80 0.13
N TYR B 177 -2.00 3.61 0.46
CA TYR B 177 -1.96 3.14 1.81
C TYR B 177 -0.53 3.09 2.36
N SER B 178 0.45 2.77 1.51
CA SER B 178 1.85 2.71 1.94
C SER B 178 2.36 4.13 2.27
N HIS B 179 1.85 5.12 1.54
CA HIS B 179 2.25 6.53 1.71
C HIS B 179 1.75 7.03 3.05
N LEU B 180 0.46 6.80 3.31
CA LEU B 180 -0.12 7.11 4.61
C LEU B 180 0.64 6.35 5.73
N ASN B 181 0.91 5.05 5.52
CA ASN B 181 1.61 4.34 6.56
C ASN B 181 3.01 4.89 6.89
N PHE B 182 3.74 5.33 5.88
CA PHE B 182 5.03 5.95 6.09
C PHE B 182 4.91 7.07 7.14
N GLY B 183 4.02 8.03 6.89
CA GLY B 183 3.73 9.12 7.80
C GLY B 183 3.34 8.68 9.18
N GLU B 184 2.38 7.75 9.28
CA GLU B 184 1.90 7.21 10.55
C GLU B 184 3.00 6.51 11.33
N VAL B 185 3.85 5.72 10.67
CA VAL B 185 4.98 5.06 11.36
C VAL B 185 6.02 6.06 11.84
N TRP B 186 6.42 7.00 11.03
CA TRP B 186 7.41 7.94 11.44
C TRP B 186 6.90 8.85 12.58
N LEU B 187 5.67 9.32 12.44
CA LEU B 187 5.09 10.15 13.45
C LEU B 187 4.78 9.41 14.79
N GLN B 188 4.28 8.18 14.77
CA GLN B 188 4.13 7.35 15.95
C GLN B 188 5.45 7.26 16.73
N ALA B 189 6.57 7.10 16.01
CA ALA B 189 7.90 6.93 16.60
C ALA B 189 8.47 8.20 17.15
N HIS B 190 7.95 9.37 16.74
CA HIS B 190 8.38 10.67 17.23
C HIS B 190 7.20 11.53 17.82
N PHE B 191 6.17 10.88 18.35
CA PHE B 191 4.89 11.49 18.70
C PHE B 191 5.05 12.57 19.77
N GLU B 192 5.60 12.20 20.94
CA GLU B 192 5.67 13.18 22.05
C GLU B 192 6.34 14.48 21.65
N GLU B 193 7.45 14.36 20.92
CA GLU B 193 8.23 15.47 20.43
C GLU B 193 7.52 16.22 19.32
N SER B 194 6.65 15.53 18.56
CA SER B 194 6.00 16.09 17.36
C SER B 194 4.61 16.65 17.67
N LYS B 195 4.09 16.31 18.85
CA LYS B 195 2.70 16.56 19.21
C LYS B 195 2.21 17.99 19.03
N ALA B 196 2.92 18.96 19.59
CA ALA B 196 2.49 20.36 19.52
C ALA B 196 2.54 20.86 18.07
N GLU B 197 3.60 20.50 17.34
CA GLU B 197 3.72 20.87 15.96
C GLU B 197 2.56 20.20 15.11
N LEU B 198 2.27 18.92 15.36
CA LEU B 198 1.12 18.23 14.74
C LEU B 198 -0.20 19.00 14.95
N GLU B 199 -0.40 19.46 16.18
CA GLU B 199 -1.58 20.31 16.52
C GLU B 199 -1.64 21.64 15.75
N ALA B 200 -0.54 22.38 15.70
CA ALA B 200 -0.49 23.61 14.88
C ALA B 200 -0.72 23.35 13.36
N ALA B 201 0.02 22.40 12.79
CA ALA B 201 -0.16 22.02 11.38
C ALA B 201 -1.63 21.63 11.07
N ASN B 202 -2.29 20.92 11.96
CA ASN B 202 -3.65 20.52 11.78
C ASN B 202 -4.60 21.72 11.77
N ARG B 203 -4.35 22.68 12.65
CA ARG B 203 -5.16 23.90 12.67
C ARG B 203 -5.00 24.68 11.42
N GLN B 204 -3.77 24.84 10.94
CA GLN B 204 -3.48 25.62 9.72
C GLN B 204 -3.99 24.94 8.44
N ASN B 205 -3.87 23.60 8.35
CA ASN B 205 -4.13 22.90 7.06
C ASN B 205 -5.40 22.15 6.90
N LEU B 206 -6.00 21.69 8.00
CA LEU B 206 -7.26 20.94 7.90
C LEU B 206 -8.45 21.71 7.35
N PRO B 207 -8.63 22.97 7.77
CA PRO B 207 -9.70 23.81 7.12
C PRO B 207 -9.49 23.99 5.61
N ILE B 208 -8.23 23.90 5.15
CA ILE B 208 -7.95 23.99 3.72
C ILE B 208 -8.63 22.86 3.00
N ILE B 209 -8.54 21.64 3.55
CA ILE B 209 -9.21 20.48 2.94
C ILE B 209 -10.69 20.66 2.77
N TRP B 210 -11.35 21.18 3.79
CA TRP B 210 -12.79 21.45 3.68
C TRP B 210 -13.17 22.40 2.55
N LYS B 211 -12.32 23.37 2.24
CA LYS B 211 -12.62 24.26 1.11
C LYS B 211 -12.28 23.63 -0.26
N LEU B 212 -11.23 22.84 -0.36
CA LEU B 212 -11.02 22.02 -1.56
C LEU B 212 -12.23 21.11 -1.89
N LEU B 213 -12.74 20.49 -0.87
CA LEU B 213 -13.86 19.58 -1.03
C LEU B 213 -15.07 20.36 -1.53
N ASN B 214 -15.30 21.54 -0.93
CA ASN B 214 -16.41 22.37 -1.36
C ASN B 214 -16.20 22.85 -2.79
N ALA B 215 -14.97 23.15 -3.18
CA ALA B 215 -14.66 23.49 -4.60
C ALA B 215 -14.85 22.41 -5.66
N VAL B 216 -14.49 21.16 -5.38
CA VAL B 216 -14.65 20.04 -6.36
C VAL B 216 -15.98 19.30 -6.29
N ALA B 217 -16.78 19.54 -5.24
CA ALA B 217 -17.98 18.74 -4.88
C ALA B 217 -18.96 18.65 -6.03
N ASP B 218 -19.19 19.79 -6.68
CA ASP B 218 -20.17 19.88 -7.75
C ASP B 218 -19.72 19.02 -8.97
N ASP B 219 -18.46 19.16 -9.36
CA ASP B 219 -17.89 18.33 -10.42
C ASP B 219 -17.82 16.86 -9.99
N ALA B 220 -17.48 16.63 -8.74
CA ALA B 220 -17.45 15.23 -8.25
C ALA B 220 -18.83 14.59 -8.34
N ARG B 221 -19.86 15.34 -8.02
CA ARG B 221 -21.21 14.81 -8.15
C ARG B 221 -21.60 14.46 -9.56
N VAL B 222 -21.13 15.22 -10.56
CA VAL B 222 -21.31 14.86 -11.96
C VAL B 222 -20.73 13.48 -12.28
N LEU B 223 -19.60 13.12 -11.66
CA LEU B 223 -18.97 11.81 -11.92
C LEU B 223 -19.65 10.69 -11.18
N GLY B 224 -20.66 11.01 -10.38
CA GLY B 224 -21.39 10.02 -9.59
C GLY B 224 -20.99 9.94 -8.13
N MET B 225 -20.16 10.87 -7.64
CA MET B 225 -19.64 10.80 -6.27
C MET B 225 -20.40 11.68 -5.28
N GLU B 226 -20.85 11.13 -4.15
CA GLU B 226 -21.58 11.98 -3.19
C GLU B 226 -20.66 12.76 -2.27
N LYS B 227 -20.95 14.03 -2.08
CA LYS B 227 -20.18 14.86 -1.21
C LYS B 227 -20.18 14.42 0.25
N ASP B 228 -21.33 14.00 0.77
CA ASP B 228 -21.42 13.55 2.15
C ASP B 228 -20.54 12.32 2.39
N ALA B 229 -20.53 11.38 1.45
CA ALA B 229 -19.66 10.19 1.48
C ALA B 229 -18.16 10.56 1.53
N LEU B 230 -17.74 11.46 0.64
CA LEU B 230 -16.40 12.08 0.69
C LEU B 230 -16.01 12.64 2.02
N ILE B 231 -16.88 13.49 2.63
CA ILE B 231 -16.59 14.07 3.93
C ILE B 231 -16.42 13.03 5.05
N GLU B 232 -17.38 12.12 5.12
CA GLU B 232 -17.40 11.09 6.12
C GLU B 232 -16.17 10.19 5.95
N ASP B 233 -15.87 9.84 4.69
CA ASP B 233 -14.73 8.91 4.43
C ASP B 233 -13.33 9.51 4.71
N PHE B 234 -13.19 10.79 4.48
CA PHE B 234 -12.01 11.54 4.84
C PHE B 234 -11.89 11.60 6.36
N MET B 235 -13.00 11.93 7.02
CA MET B 235 -12.97 12.05 8.47
C MET B 235 -12.63 10.71 9.14
N ILE B 236 -13.13 9.62 8.59
CA ILE B 236 -12.76 8.26 9.04
C ILE B 236 -11.30 7.98 8.88
N ALA B 237 -10.79 8.26 7.69
CA ALA B 237 -9.38 7.90 7.34
C ALA B 237 -8.39 8.77 8.16
N TYR B 238 -8.69 10.06 8.26
CA TYR B 238 -7.74 10.97 8.93
C TYR B 238 -7.80 10.76 10.45
N GLY B 239 -8.99 10.56 11.00
CA GLY B 239 -9.18 10.23 12.45
C GLY B 239 -8.46 8.95 12.85
N GLU B 240 -8.49 7.96 11.98
CA GLU B 240 -7.72 6.72 12.22
C GLU B 240 -6.28 6.95 12.25
N ALA B 241 -5.79 7.72 11.28
CA ALA B 241 -4.40 8.01 11.21
C ALA B 241 -3.94 8.76 12.45
N LEU B 242 -4.74 9.74 12.91
CA LEU B 242 -4.36 10.45 14.15
C LEU B 242 -4.34 9.52 15.41
N GLY B 243 -5.23 8.55 15.47
CA GLY B 243 -5.27 7.51 16.50
C GLY B 243 -4.00 6.68 16.46
N ASN B 244 -3.63 6.25 15.25
CA ASN B 244 -2.41 5.48 15.04
C ASN B 244 -1.11 6.16 15.47
N ILE B 245 -0.97 7.48 15.27
CA ILE B 245 0.25 8.15 15.66
C ILE B 245 0.32 8.40 17.18
N GLY B 246 -0.83 8.32 17.85
CA GLY B 246 -0.89 8.41 19.33
C GLY B 246 -1.93 9.35 19.94
N PHE B 247 -2.69 10.09 19.13
CA PHE B 247 -3.75 10.93 19.72
C PHE B 247 -4.87 10.10 20.32
N ASN B 248 -5.36 10.53 21.49
CA ASN B 248 -6.53 9.87 22.11
C ASN B 248 -7.81 10.32 21.42
N ASN B 249 -8.93 9.70 21.76
CA ASN B 249 -10.20 10.03 21.10
C ASN B 249 -10.72 11.47 21.29
N ARG B 250 -10.44 12.04 22.45
CA ARG B 250 -10.85 13.42 22.78
C ARG B 250 -10.02 14.39 21.88
N ASP B 251 -8.72 14.13 21.77
CA ASP B 251 -7.85 14.89 20.86
C ASP B 251 -8.22 14.72 19.38
N ILE B 252 -8.51 13.48 18.96
CA ILE B 252 -8.99 13.25 17.58
C ILE B 252 -10.22 14.09 17.29
N MET B 253 -11.21 14.02 18.17
CA MET B 253 -12.44 14.78 17.99
C MET B 253 -12.19 16.30 18.00
N ARG B 254 -11.33 16.78 18.89
CA ARG B 254 -10.95 18.20 18.87
C ARG B 254 -10.30 18.64 17.55
N MET B 255 -9.34 17.84 17.10
CA MET B 255 -8.61 18.05 15.86
C MET B 255 -9.56 18.06 14.67
N SER B 256 -10.53 17.15 14.63
CA SER B 256 -11.52 17.11 13.52
C SER B 256 -12.50 18.29 13.58
N ALA B 257 -12.68 18.90 14.75
CA ALA B 257 -13.45 20.14 14.88
C ALA B 257 -12.79 21.37 14.23
N GLN B 258 -11.56 21.34 13.72
CA GLN B 258 -11.10 22.51 12.94
C GLN B 258 -11.71 22.62 11.52
N GLY B 259 -12.89 23.24 11.51
CA GLY B 259 -13.63 23.59 10.31
C GLY B 259 -14.94 24.26 10.71
N LEU B 260 -16.06 23.54 10.90
CA LEU B 260 -16.18 22.06 11.00
C LEU B 260 -15.41 21.45 12.15
FE FE C . 6.48 -7.58 4.20
FE FE D . 6.21 -7.61 0.88
C1 STE E . 6.61 -9.67 2.28
O1 STE E . 6.45 -10.15 1.21
C2 STE E . 6.62 -10.52 3.40
C3 STE E . 6.29 -11.93 2.87
C4 STE E . 5.92 -12.60 4.05
C5 STE E . 5.74 -14.04 3.78
C6 STE E . 5.20 -14.59 5.08
C7 STE E . 3.85 -15.20 4.89
C8 STE E . 3.70 -16.28 5.99
C9 STE E . 2.27 -16.68 6.21
C10 STE E . 2.22 -17.71 7.37
C11 STE E . 0.91 -17.59 8.24
C12 STE E . 0.98 -16.25 8.99
C13 STE E . -0.11 -16.22 9.98
C14 STE E . -0.57 -14.79 10.25
C15 STE E . 0.40 -13.75 10.74
C16 STE E . 1.08 -13.92 12.12
C17 STE E . 1.78 -12.58 12.48
C18 STE E . 2.69 -12.81 13.75
FE FE F . 0.48 9.45 -2.40
FE FE G . -0.48 9.25 -5.56
C1 STE H . -0.95 11.24 -3.83
O1 STE H . -0.53 11.47 -2.69
C2 STE H . -1.44 12.30 -4.63
C3 STE H . -2.47 13.09 -3.84
C4 STE H . -3.61 13.31 -4.80
C5 STE H . -4.51 14.40 -4.33
C6 STE H . -5.73 14.46 -5.26
C7 STE H . -7.06 14.81 -4.54
C8 STE H . -8.21 14.42 -5.49
C9 STE H . -9.62 14.87 -5.01
C10 STE H . -10.54 15.21 -6.21
C11 STE H . -11.93 14.53 -6.22
C12 STE H . -11.84 13.04 -6.46
C13 STE H . -11.62 12.65 -7.89
C14 STE H . -11.76 11.16 -8.09
C15 STE H . -10.66 10.56 -8.99
C16 STE H . -10.62 11.05 -10.43
C17 STE H . -9.46 10.35 -11.17
C18 STE H . -9.31 10.89 -12.63
#